data_1JZT
#
_entry.id   1JZT
#
_cell.length_a   57.732
_cell.length_b   68.676
_cell.length_c   125.187
_cell.angle_alpha   90.00
_cell.angle_beta   90.00
_cell.angle_gamma   90.00
#
_symmetry.space_group_name_H-M   'P 21 21 21'
#
loop_
_entity.id
_entity.type
_entity.pdbx_description
1 polymer 'Hypothetical 27.5 kDa protein in SPX19-GCR2 intergenic region'
2 non-polymer 'CHLORIDE ION'
3 water water
#
_entity_poly.entity_id   1
_entity_poly.type   'polypeptide(L)'
_entity_poly.pdbx_seq_one_letter_code
;(MSE)STLKVVSSKLAAEIDKEL(MSE)GPQIGFTLQQL(MSE)ELAGFSVAQAVCRQFPLRGKTETEKGKHVFVIAGPG
NNGGDGLVCARHLKLFGYNPVVFYPKRSERTEFYKQLVHQLNFFKVPVLSQDEGNWLEYLKPEKTLCIVDAIFGFSFKPP
(MSE)REPFKGIVEELCKVQNIIPIVSVDVPTGWDVDKGPISQPSINPAVLVSLTVPKPCSSHIRENQTTHYVGGRFIPR
DFANKFGFEPFGYESTDQILKL
;
_entity_poly.pdbx_strand_id   A,B
#
loop_
_chem_comp.id
_chem_comp.type
_chem_comp.name
_chem_comp.formula
CL non-polymer 'CHLORIDE ION' 'Cl -1'
#
# COMPACT_ATOMS: atom_id res chain seq x y z
N LEU A 4 2.24 -25.89 -2.44
CA LEU A 4 1.23 -25.87 -1.36
C LEU A 4 1.92 -25.91 0.02
N LYS A 5 2.72 -24.89 0.29
CA LYS A 5 3.45 -24.78 1.56
C LYS A 5 2.62 -23.92 2.51
N VAL A 6 2.57 -24.33 3.78
CA VAL A 6 1.80 -23.60 4.78
C VAL A 6 2.54 -23.42 6.09
N VAL A 7 2.03 -22.53 6.94
CA VAL A 7 2.64 -22.26 8.22
C VAL A 7 1.59 -22.40 9.32
N SER A 8 1.96 -23.10 10.40
CA SER A 8 1.07 -23.32 11.54
C SER A 8 0.63 -22.02 12.17
N SER A 9 -0.50 -22.03 12.88
CA SER A 9 -0.98 -20.81 13.52
C SER A 9 0.04 -20.33 14.55
N LYS A 10 0.75 -21.28 15.18
CA LYS A 10 1.76 -20.94 16.17
C LYS A 10 2.88 -20.10 15.55
N LEU A 11 3.45 -20.59 14.46
CA LEU A 11 4.51 -19.84 13.79
C LEU A 11 3.97 -18.53 13.21
N ALA A 12 2.71 -18.55 12.76
CA ALA A 12 2.09 -17.36 12.19
C ALA A 12 2.10 -16.23 13.22
N ALA A 13 1.84 -16.58 14.48
CA ALA A 13 1.84 -15.62 15.56
C ALA A 13 3.26 -15.12 15.81
N GLU A 14 4.23 -16.04 15.70
CA GLU A 14 5.63 -15.70 15.90
C GLU A 14 6.10 -14.76 14.79
N ILE A 15 5.66 -15.03 13.57
CA ILE A 15 6.05 -14.18 12.43
C ILE A 15 5.57 -12.75 12.68
N ASP A 16 4.28 -12.60 12.97
CA ASP A 16 3.71 -11.28 13.22
C ASP A 16 4.43 -10.58 14.35
N LYS A 17 4.75 -11.33 15.40
CA LYS A 17 5.44 -10.77 16.54
C LYS A 17 6.81 -10.24 16.13
N GLU A 18 7.51 -11.00 15.30
CA GLU A 18 8.82 -10.58 14.85
C GLU A 18 8.75 -9.41 13.90
N LEU A 19 7.82 -9.46 12.94
CA LEU A 19 7.70 -8.38 11.97
C LEU A 19 7.51 -7.02 12.63
N MSE A 20 6.71 -6.96 13.68
CA MSE A 20 6.49 -5.69 14.35
C MSE A 20 7.36 -5.49 15.58
O MSE A 20 7.11 -4.58 16.38
CB MSE A 20 5.00 -5.52 14.65
CG MSE A 20 4.21 -5.13 13.40
SE MSE A 20 2.32 -5.41 13.54
CE MSE A 20 2.31 -7.34 13.34
N GLY A 21 8.39 -6.31 15.71
CA GLY A 21 9.31 -6.18 16.83
C GLY A 21 10.32 -5.08 16.56
N PRO A 22 11.08 -4.64 17.58
CA PRO A 22 12.09 -3.57 17.44
C PRO A 22 13.13 -3.81 16.35
N GLN A 23 13.50 -5.08 16.16
CA GLN A 23 14.49 -5.46 15.15
C GLN A 23 14.05 -5.17 13.71
N ILE A 24 12.90 -5.70 13.33
CA ILE A 24 12.37 -5.51 11.97
C ILE A 24 11.83 -4.09 11.81
N GLY A 25 11.00 -3.66 12.76
CA GLY A 25 10.47 -2.31 12.72
C GLY A 25 9.20 -2.03 11.95
N PHE A 26 8.49 -3.07 11.48
CA PHE A 26 7.26 -2.83 10.75
C PHE A 26 6.18 -2.33 11.71
N THR A 27 5.31 -1.44 11.22
CA THR A 27 4.23 -0.93 12.06
C THR A 27 2.93 -1.58 11.65
N LEU A 28 2.00 -1.71 12.59
CA LEU A 28 0.71 -2.32 12.30
C LEU A 28 0.01 -1.56 11.17
N GLN A 29 0.14 -0.23 11.19
CA GLN A 29 -0.49 0.61 10.18
C GLN A 29 -0.08 0.19 8.77
N GLN A 30 1.21 -0.03 8.55
CA GLN A 30 1.71 -0.44 7.25
C GLN A 30 1.21 -1.81 6.84
N LEU A 31 1.41 -2.79 7.71
CA LEU A 31 1.00 -4.16 7.39
C LEU A 31 -0.50 -4.30 7.12
N MSE A 32 -1.31 -3.63 7.93
CA MSE A 32 -2.76 -3.68 7.77
C MSE A 32 -3.19 -3.00 6.47
O MSE A 32 -4.11 -3.47 5.78
CB MSE A 32 -3.43 -3.03 8.99
CG MSE A 32 -4.94 -3.16 9.03
SE MSE A 32 -5.62 -2.91 10.84
CE MSE A 32 -5.00 -4.58 11.61
N GLU A 33 -2.54 -1.89 6.13
CA GLU A 33 -2.86 -1.17 4.90
C GLU A 33 -2.53 -2.06 3.71
N LEU A 34 -1.34 -2.66 3.73
CA LEU A 34 -0.91 -3.54 2.64
C LEU A 34 -1.79 -4.78 2.58
N ALA A 35 -2.14 -5.34 3.73
CA ALA A 35 -2.99 -6.53 3.76
C ALA A 35 -4.39 -6.23 3.20
N GLY A 36 -4.99 -5.14 3.69
CA GLY A 36 -6.30 -4.75 3.22
C GLY A 36 -6.28 -4.46 1.73
N PHE A 37 -5.17 -3.91 1.25
CA PHE A 37 -5.04 -3.60 -0.17
C PHE A 37 -5.10 -4.90 -0.96
N SER A 38 -4.35 -5.90 -0.49
CA SER A 38 -4.31 -7.21 -1.14
C SER A 38 -5.70 -7.79 -1.33
N VAL A 39 -6.47 -7.82 -0.25
CA VAL A 39 -7.82 -8.34 -0.30
C VAL A 39 -8.65 -7.60 -1.35
N ALA A 40 -8.61 -6.27 -1.34
CA ALA A 40 -9.35 -5.48 -2.31
C ALA A 40 -8.94 -5.84 -3.74
N GLN A 41 -7.63 -5.96 -3.97
CA GLN A 41 -7.14 -6.30 -5.30
C GLN A 41 -7.68 -7.68 -5.73
N ALA A 42 -7.76 -8.64 -4.81
CA ALA A 42 -8.27 -9.99 -5.13
C ALA A 42 -9.74 -9.92 -5.54
N VAL A 43 -10.51 -9.12 -4.84
CA VAL A 43 -11.94 -8.96 -5.13
C VAL A 43 -12.11 -8.34 -6.52
N CYS A 44 -11.34 -7.30 -6.80
CA CYS A 44 -11.40 -6.62 -8.09
C CYS A 44 -10.99 -7.57 -9.22
N ARG A 45 -10.02 -8.43 -8.96
CA ARG A 45 -9.56 -9.36 -9.99
C ARG A 45 -10.54 -10.52 -10.22
N GLN A 46 -11.20 -10.93 -9.15
CA GLN A 46 -12.18 -12.03 -9.20
C GLN A 46 -13.53 -11.55 -9.74
N PHE A 47 -13.85 -10.28 -9.47
CA PHE A 47 -15.12 -9.72 -9.94
C PHE A 47 -14.92 -8.40 -10.71
N PRO A 48 -14.23 -8.47 -11.85
CA PRO A 48 -13.96 -7.28 -12.68
C PRO A 48 -15.25 -6.54 -13.04
N LEU A 49 -15.18 -5.21 -13.03
CA LEU A 49 -16.32 -4.38 -13.34
C LEU A 49 -16.51 -4.15 -14.83
N ARG A 50 -15.46 -4.41 -15.62
CA ARG A 50 -15.55 -4.22 -17.07
C ARG A 50 -16.59 -5.13 -17.70
N GLY A 51 -17.48 -4.53 -18.49
CA GLY A 51 -18.50 -5.30 -19.16
C GLY A 51 -19.85 -5.24 -18.49
N LYS A 52 -19.86 -5.43 -17.17
CA LYS A 52 -21.11 -5.39 -16.40
C LYS A 52 -21.91 -4.12 -16.67
N THR A 53 -23.23 -4.24 -16.65
CA THR A 53 -24.11 -3.10 -16.89
C THR A 53 -24.19 -2.24 -15.63
N GLU A 54 -24.74 -1.03 -15.78
CA GLU A 54 -24.89 -0.12 -14.66
C GLU A 54 -25.72 -0.76 -13.55
N THR A 55 -26.76 -1.50 -13.95
CA THR A 55 -27.64 -2.16 -12.98
C THR A 55 -26.86 -3.21 -12.19
N GLU A 56 -26.01 -3.95 -12.90
CA GLU A 56 -25.21 -5.00 -12.29
C GLU A 56 -24.17 -4.36 -11.36
N LYS A 57 -23.66 -3.20 -11.75
CA LYS A 57 -22.66 -2.49 -10.96
C LYS A 57 -23.27 -1.84 -9.74
N GLY A 58 -24.60 -1.77 -9.69
CA GLY A 58 -25.27 -1.17 -8.55
C GLY A 58 -25.17 -2.02 -7.29
N LYS A 59 -24.85 -3.30 -7.45
CA LYS A 59 -24.75 -4.18 -6.29
C LYS A 59 -23.60 -3.75 -5.38
N HIS A 60 -23.69 -4.14 -4.12
CA HIS A 60 -22.69 -3.78 -3.12
C HIS A 60 -21.76 -4.92 -2.76
N VAL A 61 -20.62 -4.56 -2.16
CA VAL A 61 -19.67 -5.56 -1.67
C VAL A 61 -19.88 -5.45 -0.17
N PHE A 62 -20.51 -6.46 0.42
CA PHE A 62 -20.79 -6.47 1.85
C PHE A 62 -19.61 -6.96 2.67
N VAL A 63 -18.97 -6.04 3.37
CA VAL A 63 -17.80 -6.35 4.20
C VAL A 63 -18.17 -6.48 5.68
N ILE A 64 -17.96 -7.66 6.25
CA ILE A 64 -18.26 -7.89 7.66
C ILE A 64 -16.96 -7.91 8.44
N ALA A 65 -16.77 -6.90 9.30
CA ALA A 65 -15.56 -6.76 10.07
C ALA A 65 -15.63 -7.25 11.52
N GLY A 66 -14.70 -8.10 11.90
CA GLY A 66 -14.63 -8.65 13.25
C GLY A 66 -14.05 -7.61 14.20
N PRO A 67 -13.98 -7.92 15.50
CA PRO A 67 -13.45 -6.99 16.51
C PRO A 67 -11.93 -6.93 16.65
N GLY A 68 -11.21 -7.71 15.84
CA GLY A 68 -9.76 -7.68 15.94
C GLY A 68 -9.05 -7.32 14.66
N ASN A 69 -7.82 -7.84 14.54
CA ASN A 69 -6.95 -7.63 13.39
C ASN A 69 -7.61 -7.94 12.03
N ASN A 70 -8.30 -9.08 11.97
CA ASN A 70 -8.96 -9.49 10.72
C ASN A 70 -9.94 -8.40 10.30
N GLY A 71 -10.72 -7.89 11.25
CA GLY A 71 -11.67 -6.85 10.94
C GLY A 71 -10.97 -5.59 10.45
N GLY A 72 -9.82 -5.28 11.05
CA GLY A 72 -9.07 -4.10 10.64
C GLY A 72 -8.69 -4.21 9.17
N ASP A 73 -8.23 -5.38 8.75
CA ASP A 73 -7.85 -5.61 7.37
C ASP A 73 -9.06 -5.34 6.48
N GLY A 74 -10.25 -5.71 6.97
CA GLY A 74 -11.46 -5.50 6.22
C GLY A 74 -11.80 -4.03 6.06
N LEU A 75 -11.55 -3.24 7.10
CA LEU A 75 -11.84 -1.80 7.05
C LEU A 75 -10.98 -1.13 5.97
N VAL A 76 -9.74 -1.58 5.84
CA VAL A 76 -8.82 -1.06 4.83
C VAL A 76 -9.33 -1.48 3.45
N CYS A 77 -9.66 -2.76 3.32
CA CYS A 77 -10.17 -3.33 2.07
C CYS A 77 -11.35 -2.53 1.54
N ALA A 78 -12.29 -2.21 2.42
CA ALA A 78 -13.47 -1.45 2.05
C ALA A 78 -13.14 -0.10 1.41
N ARG A 79 -12.14 0.58 1.93
CA ARG A 79 -11.74 1.89 1.39
C ARG A 79 -11.14 1.73 -0.01
N HIS A 80 -10.29 0.73 -0.22
CA HIS A 80 -9.71 0.54 -1.53
C HIS A 80 -10.77 0.14 -2.55
N LEU A 81 -11.74 -0.66 -2.14
CA LEU A 81 -12.82 -1.07 -3.04
C LEU A 81 -13.63 0.13 -3.49
N LYS A 82 -13.80 1.10 -2.59
CA LYS A 82 -14.53 2.30 -2.93
C LYS A 82 -13.73 3.05 -3.99
N LEU A 83 -12.42 3.15 -3.78
CA LEU A 83 -11.56 3.83 -4.74
C LEU A 83 -11.54 3.08 -6.07
N PHE A 84 -11.60 1.76 -6.00
CA PHE A 84 -11.57 0.92 -7.20
C PHE A 84 -12.87 0.97 -8.02
N GLY A 85 -13.90 1.63 -7.50
CA GLY A 85 -15.13 1.74 -8.24
C GLY A 85 -16.30 0.88 -7.76
N TYR A 86 -16.11 0.16 -6.66
CA TYR A 86 -17.19 -0.67 -6.12
C TYR A 86 -18.05 0.08 -5.12
N ASN A 87 -19.13 -0.55 -4.68
CA ASN A 87 -20.04 0.04 -3.72
C ASN A 87 -19.97 -0.75 -2.42
N PRO A 88 -18.87 -0.59 -1.67
CA PRO A 88 -18.72 -1.31 -0.41
C PRO A 88 -19.61 -0.81 0.72
N VAL A 89 -20.08 -1.76 1.53
CA VAL A 89 -20.89 -1.50 2.70
C VAL A 89 -20.30 -2.35 3.82
N VAL A 90 -19.95 -1.70 4.92
CA VAL A 90 -19.34 -2.39 6.05
C VAL A 90 -20.28 -2.63 7.23
N PHE A 91 -20.25 -3.85 7.75
CA PHE A 91 -21.03 -4.26 8.91
C PHE A 91 -19.96 -4.47 9.98
N TYR A 92 -19.97 -3.59 10.98
CA TYR A 92 -18.99 -3.61 12.07
C TYR A 92 -19.75 -3.69 13.40
N PRO A 93 -20.24 -4.89 13.75
CA PRO A 93 -21.00 -5.14 14.99
C PRO A 93 -20.30 -4.86 16.32
N LYS A 94 -19.11 -5.42 16.51
CA LYS A 94 -18.37 -5.23 17.76
C LYS A 94 -17.07 -4.47 17.54
N ARG A 95 -16.96 -3.30 18.14
CA ARG A 95 -15.77 -2.47 18.00
C ARG A 95 -15.05 -2.27 19.33
N SER A 96 -13.77 -2.62 19.38
CA SER A 96 -12.98 -2.46 20.61
C SER A 96 -12.65 -0.99 20.75
N GLU A 97 -13.27 -0.33 21.73
CA GLU A 97 -13.06 1.10 21.97
C GLU A 97 -11.74 1.42 22.66
N ARG A 98 -10.73 0.58 22.44
CA ARG A 98 -9.42 0.80 23.04
C ARG A 98 -8.31 0.85 21.99
N THR A 99 -8.60 0.33 20.80
CA THR A 99 -7.62 0.32 19.70
C THR A 99 -7.84 1.57 18.85
N GLU A 100 -6.91 2.51 18.96
CA GLU A 100 -7.00 3.77 18.22
C GLU A 100 -7.04 3.64 16.70
N PHE A 101 -6.16 2.82 16.14
CA PHE A 101 -6.10 2.67 14.70
C PHE A 101 -7.42 2.21 14.07
N TYR A 102 -8.17 1.36 14.76
CA TYR A 102 -9.44 0.88 14.23
C TYR A 102 -10.41 2.06 14.09
N LYS A 103 -10.39 2.96 15.07
CA LYS A 103 -11.27 4.13 15.05
C LYS A 103 -10.89 5.02 13.88
N GLN A 104 -9.59 5.17 13.65
CA GLN A 104 -9.11 6.00 12.56
C GLN A 104 -9.49 5.40 11.22
N LEU A 105 -9.45 4.07 11.13
CA LEU A 105 -9.82 3.39 9.89
C LEU A 105 -11.30 3.63 9.58
N VAL A 106 -12.12 3.76 10.63
CA VAL A 106 -13.54 4.02 10.44
C VAL A 106 -13.76 5.45 9.96
N HIS A 107 -12.99 6.39 10.50
CA HIS A 107 -13.10 7.78 10.06
C HIS A 107 -12.71 7.85 8.58
N GLN A 108 -11.73 7.05 8.18
CA GLN A 108 -11.31 7.05 6.79
C GLN A 108 -12.44 6.55 5.88
N LEU A 109 -13.26 5.64 6.39
CA LEU A 109 -14.38 5.14 5.60
C LEU A 109 -15.45 6.23 5.46
N ASN A 110 -15.67 6.98 6.53
CA ASN A 110 -16.65 8.07 6.48
C ASN A 110 -16.20 9.09 5.44
N PHE A 111 -14.90 9.37 5.46
CA PHE A 111 -14.28 10.30 4.51
C PHE A 111 -14.60 9.93 3.08
N PHE A 112 -14.64 8.63 2.79
CA PHE A 112 -14.96 8.13 1.45
C PHE A 112 -16.42 7.78 1.27
N LYS A 113 -17.23 8.18 2.24
CA LYS A 113 -18.67 7.93 2.20
C LYS A 113 -19.01 6.44 2.10
N VAL A 114 -18.27 5.60 2.81
CA VAL A 114 -18.55 4.17 2.81
C VAL A 114 -19.39 3.86 4.04
N PRO A 115 -20.63 3.39 3.84
CA PRO A 115 -21.53 3.05 4.95
C PRO A 115 -20.91 2.07 5.94
N VAL A 116 -21.13 2.33 7.23
CA VAL A 116 -20.63 1.47 8.31
C VAL A 116 -21.80 1.21 9.24
N LEU A 117 -22.39 0.01 9.12
CA LEU A 117 -23.55 -0.39 9.90
C LEU A 117 -23.21 -0.91 11.30
N SER A 118 -24.11 -0.69 12.25
CA SER A 118 -23.94 -1.15 13.62
C SER A 118 -24.60 -2.51 13.80
N GLN A 119 -24.46 -3.09 15.00
CA GLN A 119 -25.05 -4.40 15.28
C GLN A 119 -26.57 -4.39 15.29
N ASP A 120 -27.18 -3.21 15.24
CA ASP A 120 -28.63 -3.10 15.25
C ASP A 120 -29.18 -2.23 14.13
N GLU A 121 -29.14 -0.91 14.34
CA GLU A 121 -29.65 0.10 13.40
C GLU A 121 -29.50 -0.18 11.90
N GLY A 122 -28.49 -0.94 11.51
CA GLY A 122 -28.27 -1.20 10.09
C GLY A 122 -29.00 -2.28 9.32
N ASN A 123 -29.87 -3.05 9.97
CA ASN A 123 -30.59 -4.14 9.31
C ASN A 123 -29.69 -4.81 8.26
N TRP A 124 -28.54 -5.27 8.72
CA TRP A 124 -27.55 -5.90 7.87
C TRP A 124 -28.06 -7.07 7.03
N LEU A 125 -29.07 -7.78 7.51
CA LEU A 125 -29.61 -8.93 6.78
C LEU A 125 -30.10 -8.60 5.37
N GLU A 126 -30.45 -7.36 5.12
CA GLU A 126 -30.92 -6.97 3.80
C GLU A 126 -29.82 -7.14 2.76
N TYR A 127 -28.57 -7.18 3.21
CA TYR A 127 -27.44 -7.33 2.31
C TYR A 127 -27.11 -8.78 1.98
N LEU A 128 -27.88 -9.72 2.52
CA LEU A 128 -27.66 -11.13 2.25
C LEU A 128 -28.60 -11.61 1.15
N LYS A 129 -29.05 -10.67 0.32
CA LYS A 129 -29.94 -10.97 -0.79
C LYS A 129 -29.15 -10.84 -2.09
N PRO A 130 -29.26 -11.83 -2.98
CA PRO A 130 -28.58 -11.86 -4.27
C PRO A 130 -28.68 -10.59 -5.12
N GLU A 131 -29.88 -10.04 -5.24
CA GLU A 131 -30.07 -8.84 -6.05
C GLU A 131 -29.49 -7.55 -5.48
N LYS A 132 -28.95 -7.61 -4.27
CA LYS A 132 -28.38 -6.42 -3.67
C LYS A 132 -26.88 -6.48 -3.43
N THR A 133 -26.35 -7.69 -3.33
CA THR A 133 -24.93 -7.88 -3.05
C THR A 133 -24.18 -8.69 -4.09
N LEU A 134 -23.03 -8.17 -4.52
CA LEU A 134 -22.17 -8.83 -5.50
C LEU A 134 -21.39 -9.96 -4.85
N CYS A 135 -20.80 -9.66 -3.70
CA CYS A 135 -20.04 -10.65 -2.95
C CYS A 135 -19.91 -10.17 -1.51
N ILE A 136 -19.55 -11.11 -0.63
CA ILE A 136 -19.40 -10.81 0.77
C ILE A 136 -17.96 -11.02 1.19
N VAL A 137 -17.41 -10.07 1.93
CA VAL A 137 -16.05 -10.20 2.41
C VAL A 137 -16.11 -10.61 3.87
N ASP A 138 -15.58 -11.79 4.14
CA ASP A 138 -15.54 -12.37 5.48
C ASP A 138 -14.27 -11.96 6.19
N ALA A 139 -14.35 -10.91 7.00
CA ALA A 139 -13.21 -10.43 7.76
C ALA A 139 -13.56 -10.49 9.25
N ILE A 140 -14.24 -11.56 9.65
CA ILE A 140 -14.64 -11.70 11.05
C ILE A 140 -13.47 -12.07 11.96
N PHE A 141 -12.95 -13.29 11.83
CA PHE A 141 -11.81 -13.72 12.65
C PHE A 141 -10.65 -14.26 11.82
N GLY A 142 -9.44 -13.94 12.26
CA GLY A 142 -8.24 -14.38 11.57
C GLY A 142 -7.57 -15.61 12.18
N PHE A 143 -6.30 -15.83 11.81
CA PHE A 143 -5.56 -16.99 12.29
C PHE A 143 -5.45 -17.13 13.81
N SER A 144 -5.83 -16.09 14.54
CA SER A 144 -5.77 -16.09 16.01
C SER A 144 -7.09 -16.62 16.59
N PHE A 145 -7.97 -17.09 15.73
CA PHE A 145 -9.28 -17.61 16.16
C PHE A 145 -9.14 -18.86 17.01
N LYS A 146 -9.95 -18.92 18.08
CA LYS A 146 -9.95 -20.08 18.96
C LYS A 146 -11.39 -20.36 19.42
N PRO A 147 -11.92 -21.53 19.06
CA PRO A 147 -13.29 -21.91 19.43
C PRO A 147 -13.45 -22.06 20.94
N PRO A 148 -14.69 -22.02 21.44
CA PRO A 148 -15.91 -21.86 20.64
C PRO A 148 -16.14 -20.40 20.25
N MSE A 149 -16.95 -20.20 19.22
CA MSE A 149 -17.25 -18.85 18.77
C MSE A 149 -18.43 -18.32 19.58
O MSE A 149 -19.38 -19.05 19.87
CB MSE A 149 -17.61 -18.83 17.29
CG MSE A 149 -17.85 -17.43 16.78
SE MSE A 149 -17.94 -17.41 14.88
CE MSE A 149 -16.11 -17.92 14.51
N ARG A 150 -18.37 -17.04 19.93
CA ARG A 150 -19.41 -16.42 20.72
C ARG A 150 -20.33 -15.55 19.87
N GLU A 151 -21.47 -15.18 20.42
CA GLU A 151 -22.42 -14.32 19.71
C GLU A 151 -21.83 -12.91 19.71
N PRO A 152 -22.24 -12.06 18.76
CA PRO A 152 -23.22 -12.37 17.71
C PRO A 152 -22.57 -13.02 16.49
N PHE A 153 -21.28 -13.28 16.56
CA PHE A 153 -20.55 -13.87 15.45
C PHE A 153 -21.03 -15.28 15.13
N LYS A 154 -21.51 -16.00 16.13
CA LYS A 154 -21.99 -17.34 15.88
C LYS A 154 -23.18 -17.25 14.92
N GLY A 155 -24.16 -16.44 15.28
CA GLY A 155 -25.34 -16.26 14.44
C GLY A 155 -25.03 -15.65 13.09
N ILE A 156 -24.05 -14.77 13.03
CA ILE A 156 -23.67 -14.14 11.76
C ILE A 156 -23.18 -15.22 10.77
N VAL A 157 -22.31 -16.11 11.25
CA VAL A 157 -21.77 -17.19 10.44
C VAL A 157 -22.90 -18.10 9.95
N GLU A 158 -23.89 -18.33 10.81
CA GLU A 158 -25.03 -19.16 10.45
C GLU A 158 -25.78 -18.55 9.28
N GLU A 159 -26.05 -17.24 9.36
CA GLU A 159 -26.76 -16.53 8.30
C GLU A 159 -25.97 -16.56 7.00
N LEU A 160 -24.66 -16.40 7.10
CA LEU A 160 -23.79 -16.43 5.92
C LEU A 160 -23.82 -17.80 5.25
N CYS A 161 -23.75 -18.86 6.05
CA CYS A 161 -23.76 -20.22 5.49
C CYS A 161 -25.03 -20.54 4.72
N LYS A 162 -26.14 -19.92 5.11
CA LYS A 162 -27.41 -20.16 4.44
C LYS A 162 -27.43 -19.63 3.00
N VAL A 163 -26.66 -18.59 2.73
CA VAL A 163 -26.65 -18.01 1.38
C VAL A 163 -25.29 -18.08 0.67
N GLN A 164 -24.34 -18.79 1.25
CA GLN A 164 -23.01 -18.88 0.68
C GLN A 164 -22.91 -19.64 -0.63
N ASN A 165 -23.98 -20.36 -0.99
CA ASN A 165 -23.96 -21.09 -2.24
C ASN A 165 -24.61 -20.27 -3.35
N ILE A 166 -25.15 -19.11 -3.00
CA ILE A 166 -25.76 -18.22 -3.98
C ILE A 166 -24.94 -16.94 -4.08
N ILE A 167 -24.48 -16.43 -2.93
CA ILE A 167 -23.66 -15.21 -2.87
C ILE A 167 -22.23 -15.62 -2.53
N PRO A 168 -21.25 -15.26 -3.37
CA PRO A 168 -19.85 -15.63 -3.13
C PRO A 168 -19.23 -14.94 -1.92
N ILE A 169 -18.55 -15.72 -1.10
CA ILE A 169 -17.89 -15.18 0.09
C ILE A 169 -16.37 -15.16 -0.13
N VAL A 170 -15.75 -14.03 0.17
CA VAL A 170 -14.30 -13.85 0.04
C VAL A 170 -13.75 -13.80 1.47
N SER A 171 -13.07 -14.87 1.90
CA SER A 171 -12.53 -14.93 3.26
C SER A 171 -11.14 -14.35 3.40
N VAL A 172 -10.96 -13.48 4.39
CA VAL A 172 -9.69 -12.84 4.66
C VAL A 172 -8.82 -13.71 5.57
N ASP A 173 -7.67 -14.08 5.04
CA ASP A 173 -6.67 -14.90 5.70
C ASP A 173 -7.08 -16.36 5.88
N VAL A 174 -8.14 -16.60 6.63
CA VAL A 174 -8.68 -17.94 6.86
C VAL A 174 -10.20 -17.84 6.93
N PRO A 175 -10.91 -18.93 6.58
CA PRO A 175 -12.38 -18.92 6.63
C PRO A 175 -12.81 -18.85 8.10
N THR A 176 -13.62 -17.85 8.45
CA THR A 176 -14.06 -17.70 9.82
C THR A 176 -14.79 -18.95 10.30
N GLY A 177 -14.44 -19.44 11.49
CA GLY A 177 -15.09 -20.63 12.01
C GLY A 177 -14.35 -21.92 11.74
N TRP A 178 -13.36 -21.88 10.84
CA TRP A 178 -12.57 -23.06 10.53
C TRP A 178 -11.45 -23.19 11.57
N ASP A 179 -11.00 -24.42 11.80
CA ASP A 179 -9.90 -24.61 12.73
C ASP A 179 -8.68 -24.21 11.91
N VAL A 180 -8.01 -23.14 12.34
CA VAL A 180 -6.86 -22.61 11.61
C VAL A 180 -5.83 -23.66 11.20
N ASP A 181 -5.66 -24.70 12.01
CA ASP A 181 -4.69 -25.74 11.69
C ASP A 181 -5.31 -27.07 11.26
N LYS A 182 -6.49 -27.36 11.78
CA LYS A 182 -7.17 -28.61 11.47
C LYS A 182 -8.14 -28.52 10.30
N GLY A 183 -8.68 -27.34 10.06
CA GLY A 183 -9.62 -27.15 8.98
C GLY A 183 -11.06 -27.04 9.48
N PRO A 184 -12.05 -27.09 8.58
CA PRO A 184 -13.46 -26.98 8.96
C PRO A 184 -13.90 -28.13 9.86
N ILE A 185 -14.38 -27.79 11.04
CA ILE A 185 -14.84 -28.80 12.00
C ILE A 185 -16.30 -28.57 12.36
N SER A 186 -16.61 -27.39 12.87
CA SER A 186 -17.97 -27.05 13.26
C SER A 186 -18.89 -26.87 12.05
N GLN A 187 -20.16 -27.23 12.20
CA GLN A 187 -21.13 -27.11 11.12
C GLN A 187 -22.34 -26.32 11.59
N PRO A 188 -22.93 -25.50 10.71
CA PRO A 188 -22.51 -25.32 9.31
C PRO A 188 -21.13 -24.67 9.23
N SER A 189 -20.46 -24.87 8.11
CA SER A 189 -19.12 -24.34 7.89
C SER A 189 -19.05 -23.41 6.67
N ILE A 190 -18.27 -22.35 6.78
CA ILE A 190 -18.10 -21.40 5.68
C ILE A 190 -17.43 -22.11 4.51
N ASN A 191 -17.98 -21.89 3.30
CA ASN A 191 -17.46 -22.45 2.05
C ASN A 191 -17.23 -21.24 1.16
N PRO A 192 -16.06 -20.59 1.32
CA PRO A 192 -15.71 -19.40 0.54
C PRO A 192 -15.45 -19.61 -0.95
N ALA A 193 -15.90 -18.66 -1.76
CA ALA A 193 -15.68 -18.72 -3.20
C ALA A 193 -14.23 -18.30 -3.44
N VAL A 194 -13.71 -17.49 -2.52
CA VAL A 194 -12.34 -17.02 -2.62
C VAL A 194 -11.69 -16.99 -1.22
N LEU A 195 -10.44 -17.41 -1.14
CA LEU A 195 -9.70 -17.36 0.11
C LEU A 195 -8.47 -16.52 -0.16
N VAL A 196 -8.25 -15.49 0.64
CA VAL A 196 -7.08 -14.65 0.47
C VAL A 196 -6.21 -14.82 1.70
N SER A 197 -5.23 -15.71 1.58
CA SER A 197 -4.31 -15.96 2.68
C SER A 197 -3.40 -14.73 2.80
N LEU A 198 -3.06 -14.35 4.02
CA LEU A 198 -2.22 -13.19 4.25
C LEU A 198 -0.87 -13.62 4.82
N THR A 199 0.19 -13.05 4.23
CA THR A 199 1.58 -13.34 4.61
C THR A 199 1.97 -14.72 4.10
N VAL A 200 1.27 -15.74 4.59
CA VAL A 200 1.51 -17.12 4.19
C VAL A 200 0.26 -17.91 4.59
N PRO A 201 -0.17 -18.86 3.74
CA PRO A 201 -1.36 -19.65 4.06
C PRO A 201 -1.18 -20.49 5.31
N LYS A 202 -2.27 -20.69 6.03
CA LYS A 202 -2.27 -21.51 7.23
C LYS A 202 -2.70 -22.93 6.85
N PRO A 203 -2.45 -23.91 7.72
CA PRO A 203 -2.80 -25.31 7.47
C PRO A 203 -4.23 -25.57 6.99
N CYS A 204 -5.19 -24.81 7.51
CA CYS A 204 -6.58 -25.00 7.11
C CYS A 204 -6.80 -24.75 5.61
N SER A 205 -5.91 -23.97 4.99
CA SER A 205 -6.04 -23.65 3.57
C SER A 205 -5.96 -24.88 2.67
N SER A 206 -5.33 -25.95 3.16
CA SER A 206 -5.20 -27.17 2.36
C SER A 206 -6.52 -27.95 2.32
N HIS A 207 -7.56 -27.40 2.95
CA HIS A 207 -8.87 -28.04 2.99
C HIS A 207 -9.84 -27.49 1.97
N ILE A 208 -9.43 -26.46 1.23
CA ILE A 208 -10.30 -25.87 0.22
C ILE A 208 -10.33 -26.77 -1.02
N ARG A 209 -11.38 -26.60 -1.82
CA ARG A 209 -11.55 -27.34 -3.06
C ARG A 209 -11.33 -26.38 -4.22
N GLU A 210 -10.29 -26.63 -5.01
CA GLU A 210 -9.96 -25.78 -6.15
C GLU A 210 -11.15 -25.49 -7.06
N ASN A 211 -12.06 -26.46 -7.18
CA ASN A 211 -13.23 -26.28 -8.03
C ASN A 211 -14.27 -25.37 -7.38
N GLN A 212 -14.20 -25.22 -6.07
CA GLN A 212 -15.15 -24.38 -5.35
C GLN A 212 -14.56 -23.05 -4.86
N THR A 213 -13.25 -23.05 -4.61
CA THR A 213 -12.56 -21.86 -4.08
C THR A 213 -11.29 -21.45 -4.81
N THR A 214 -11.20 -20.17 -5.16
CA THR A 214 -9.98 -19.68 -5.81
C THR A 214 -9.10 -19.21 -4.64
N HIS A 215 -7.82 -19.58 -4.68
CA HIS A 215 -6.89 -19.22 -3.61
C HIS A 215 -5.83 -18.20 -4.01
N TYR A 216 -5.75 -17.14 -3.23
CA TYR A 216 -4.79 -16.06 -3.41
C TYR A 216 -4.01 -15.89 -2.12
N VAL A 217 -2.77 -15.40 -2.24
CA VAL A 217 -1.96 -15.10 -1.06
C VAL A 217 -1.62 -13.62 -1.21
N GLY A 218 -1.62 -12.90 -0.10
CA GLY A 218 -1.34 -11.47 -0.13
C GLY A 218 -0.40 -11.06 1.00
N GLY A 219 -0.01 -9.79 1.01
CA GLY A 219 0.91 -9.32 2.03
C GLY A 219 2.32 -9.45 1.50
N ARG A 220 2.67 -8.62 0.52
CA ARG A 220 3.99 -8.66 -0.11
C ARG A 220 5.00 -7.82 0.67
N PHE A 221 5.54 -8.39 1.74
CA PHE A 221 6.53 -7.70 2.57
C PHE A 221 7.41 -8.68 3.32
N ILE A 222 7.71 -9.81 2.67
CA ILE A 222 8.54 -10.85 3.28
C ILE A 222 9.82 -11.15 2.49
N PRO A 223 11.00 -10.95 3.12
CA PRO A 223 12.28 -11.21 2.48
C PRO A 223 12.57 -12.72 2.46
N ARG A 224 13.45 -13.15 1.56
CA ARG A 224 13.80 -14.56 1.43
C ARG A 224 14.27 -15.26 2.70
N ASP A 225 15.35 -14.76 3.29
CA ASP A 225 15.91 -15.38 4.50
C ASP A 225 14.88 -15.51 5.62
N PHE A 226 14.02 -14.51 5.78
CA PHE A 226 13.01 -14.54 6.83
C PHE A 226 12.02 -15.67 6.58
N ALA A 227 11.53 -15.75 5.34
CA ALA A 227 10.59 -16.81 4.97
C ALA A 227 11.23 -18.18 5.19
N ASN A 228 12.41 -18.39 4.64
CA ASN A 228 13.11 -19.66 4.78
C ASN A 228 13.25 -20.04 6.26
N LYS A 229 13.50 -19.05 7.11
CA LYS A 229 13.65 -19.29 8.53
C LYS A 229 12.39 -19.91 9.10
N PHE A 230 11.25 -19.56 8.52
CA PHE A 230 9.98 -20.08 8.98
C PHE A 230 9.43 -21.24 8.16
N GLY A 231 10.32 -21.86 7.38
CA GLY A 231 9.92 -23.00 6.59
C GLY A 231 9.29 -22.80 5.23
N PHE A 232 9.24 -21.57 4.73
CA PHE A 232 8.66 -21.37 3.41
C PHE A 232 9.48 -20.43 2.54
N GLU A 233 9.11 -20.35 1.26
CA GLU A 233 9.81 -19.48 0.32
C GLU A 233 8.91 -18.30 -0.01
N PRO A 234 9.48 -17.09 -0.16
CA PRO A 234 8.67 -15.91 -0.49
C PRO A 234 7.91 -16.16 -1.80
N PHE A 235 6.65 -15.74 -1.84
CA PHE A 235 5.82 -15.96 -3.04
C PHE A 235 6.18 -15.10 -4.24
N GLY A 236 6.07 -15.70 -5.42
CA GLY A 236 6.41 -15.01 -6.65
C GLY A 236 5.36 -14.07 -7.21
N TYR A 237 5.05 -13.02 -6.44
CA TYR A 237 4.09 -12.03 -6.88
C TYR A 237 4.52 -11.52 -8.26
N GLU A 238 3.56 -11.39 -9.17
CA GLU A 238 3.84 -10.93 -10.52
C GLU A 238 3.79 -9.41 -10.61
N SER A 239 4.68 -8.84 -11.42
CA SER A 239 4.72 -7.38 -11.62
C SER A 239 4.68 -6.65 -10.27
N THR A 240 3.77 -5.69 -10.14
CA THR A 240 3.64 -4.92 -8.91
C THR A 240 2.44 -5.40 -8.08
N ASP A 241 1.89 -6.57 -8.44
CA ASP A 241 0.74 -7.14 -7.73
C ASP A 241 0.98 -7.36 -6.24
N GLN A 242 -0.08 -7.23 -5.45
CA GLN A 242 0.03 -7.44 -4.01
C GLN A 242 -0.66 -8.75 -3.66
N ILE A 243 -0.99 -9.52 -4.70
CA ILE A 243 -1.63 -10.81 -4.58
C ILE A 243 -1.02 -11.72 -5.64
N LEU A 244 -1.15 -13.03 -5.43
CA LEU A 244 -0.65 -14.06 -6.34
C LEU A 244 -1.65 -15.21 -6.29
N LYS A 245 -2.11 -15.66 -7.45
CA LYS A 245 -3.07 -16.75 -7.49
C LYS A 245 -2.31 -18.02 -7.08
N LEU A 246 -2.76 -18.60 -5.96
CA LEU A 246 -2.21 -19.80 -5.30
C LEU A 246 -1.10 -19.47 -4.29
N LEU B 4 -4.92 19.54 -16.38
CA LEU B 4 -3.63 20.10 -15.85
C LEU B 4 -3.85 20.99 -14.63
N LYS B 5 -4.50 20.45 -13.60
CA LYS B 5 -4.74 21.20 -12.38
C LYS B 5 -3.58 21.02 -11.40
N VAL B 6 -3.18 22.11 -10.75
CA VAL B 6 -2.11 22.07 -9.77
C VAL B 6 -2.56 22.77 -8.52
N VAL B 7 -1.91 22.47 -7.41
CA VAL B 7 -2.23 23.07 -6.12
C VAL B 7 -0.97 23.71 -5.56
N SER B 8 -1.08 24.94 -5.06
CA SER B 8 0.05 25.65 -4.49
C SER B 8 0.63 24.93 -3.28
N SER B 9 1.88 25.26 -2.94
CA SER B 9 2.52 24.64 -1.79
C SER B 9 1.77 24.99 -0.52
N LYS B 10 1.11 26.15 -0.52
CA LYS B 10 0.35 26.58 0.64
C LYS B 10 -0.83 25.63 0.89
N LEU B 11 -1.66 25.43 -0.13
CA LEU B 11 -2.81 24.54 -0.02
C LEU B 11 -2.38 23.09 0.14
N ALA B 12 -1.23 22.74 -0.41
CA ALA B 12 -0.72 21.38 -0.30
C ALA B 12 -0.46 21.06 1.16
N ALA B 13 0.03 22.05 1.90
CA ALA B 13 0.30 21.85 3.32
C ALA B 13 -1.04 21.75 4.05
N GLU B 14 -2.05 22.46 3.54
CA GLU B 14 -3.38 22.42 4.14
C GLU B 14 -4.02 21.06 3.93
N ILE B 15 -3.86 20.49 2.74
CA ILE B 15 -4.41 19.18 2.43
C ILE B 15 -3.84 18.13 3.37
N ASP B 16 -2.51 18.14 3.53
CA ASP B 16 -1.81 17.20 4.41
C ASP B 16 -2.24 17.26 5.87
N LYS B 17 -2.47 18.47 6.38
CA LYS B 17 -2.87 18.61 7.77
C LYS B 17 -4.28 18.05 7.95
N GLU B 18 -5.17 18.31 7.00
CA GLU B 18 -6.53 17.81 7.09
C GLU B 18 -6.58 16.29 7.02
N LEU B 19 -5.87 15.71 6.06
CA LEU B 19 -5.86 14.25 5.88
C LEU B 19 -5.45 13.52 7.15
N MSE B 20 -4.47 14.07 7.88
CA MSE B 20 -4.03 13.41 9.09
C MSE B 20 -4.60 14.05 10.36
O MSE B 20 -4.13 13.80 11.47
CB MSE B 20 -2.50 13.38 9.13
CG MSE B 20 -1.93 12.33 8.17
SE MSE B 20 -0.05 12.54 7.85
CE MSE B 20 -0.18 13.79 6.37
N GLY B 21 -5.65 14.84 10.18
CA GLY B 21 -6.31 15.45 11.31
C GLY B 21 -7.30 14.46 11.88
N PRO B 22 -7.83 14.71 13.09
CA PRO B 22 -8.79 13.84 13.77
C PRO B 22 -10.02 13.50 12.93
N GLN B 23 -10.52 14.49 12.21
CA GLN B 23 -11.70 14.34 11.36
C GLN B 23 -11.58 13.22 10.33
N ILE B 24 -10.61 13.34 9.43
CA ILE B 24 -10.39 12.36 8.38
C ILE B 24 -9.77 11.08 8.98
N GLY B 25 -8.73 11.25 9.79
CA GLY B 25 -8.11 10.12 10.44
C GLY B 25 -6.98 9.35 9.78
N PHE B 26 -6.44 9.84 8.67
CA PHE B 26 -5.33 9.12 8.03
C PHE B 26 -4.09 9.21 8.90
N THR B 27 -3.23 8.19 8.84
CA THR B 27 -2.01 8.21 9.62
C THR B 27 -0.82 8.43 8.70
N LEU B 28 0.27 8.98 9.24
CA LEU B 28 1.46 9.22 8.44
C LEU B 28 1.96 7.90 7.87
N GLN B 29 1.90 6.85 8.69
CA GLN B 29 2.37 5.54 8.28
C GLN B 29 1.70 5.05 7.00
N GLN B 30 0.38 5.21 6.91
CA GLN B 30 -0.38 4.78 5.74
C GLN B 30 -0.07 5.61 4.51
N LEU B 31 -0.12 6.94 4.65
CA LEU B 31 0.11 7.83 3.52
C LEU B 31 1.50 7.67 2.94
N MSE B 32 2.49 7.59 3.84
CA MSE B 32 3.88 7.42 3.46
C MSE B 32 4.10 6.08 2.74
O MSE B 32 4.86 6.01 1.75
CB MSE B 32 4.79 7.50 4.68
CG MSE B 32 6.23 7.60 4.27
SE MSE B 32 7.26 8.38 5.70
CE MSE B 32 6.89 10.31 5.32
N GLU B 33 3.44 5.04 3.23
CA GLU B 33 3.54 3.72 2.61
C GLU B 33 2.93 3.75 1.21
N LEU B 34 1.74 4.35 1.08
CA LEU B 34 1.07 4.44 -0.21
C LEU B 34 1.86 5.31 -1.20
N ALA B 35 2.42 6.42 -0.70
CA ALA B 35 3.21 7.32 -1.55
C ALA B 35 4.47 6.64 -2.06
N GLY B 36 5.19 5.95 -1.18
CA GLY B 36 6.40 5.27 -1.59
C GLY B 36 6.09 4.17 -2.60
N PHE B 37 4.95 3.50 -2.39
CA PHE B 37 4.54 2.44 -3.28
C PHE B 37 4.28 3.04 -4.68
N SER B 38 3.65 4.22 -4.72
CA SER B 38 3.38 4.91 -5.98
C SER B 38 4.67 5.22 -6.72
N VAL B 39 5.67 5.71 -6.00
CA VAL B 39 6.95 6.04 -6.62
C VAL B 39 7.60 4.78 -7.19
N ALA B 40 7.62 3.71 -6.41
CA ALA B 40 8.20 2.44 -6.85
C ALA B 40 7.48 1.93 -8.08
N GLN B 41 6.16 2.09 -8.11
CA GLN B 41 5.36 1.63 -9.23
C GLN B 41 5.72 2.43 -10.48
N ALA B 42 5.95 3.73 -10.31
CA ALA B 42 6.34 4.58 -11.44
C ALA B 42 7.70 4.19 -12.01
N VAL B 43 8.64 3.87 -11.12
CA VAL B 43 9.97 3.47 -11.55
C VAL B 43 9.86 2.17 -12.34
N CYS B 44 9.09 1.24 -11.80
CA CYS B 44 8.88 -0.06 -12.43
C CYS B 44 8.26 0.11 -13.82
N ARG B 45 7.28 1.00 -13.93
CA ARG B 45 6.61 1.24 -15.22
C ARG B 45 7.47 2.00 -16.24
N GLN B 46 8.40 2.81 -15.74
CA GLN B 46 9.28 3.62 -16.59
C GLN B 46 10.58 2.90 -16.97
N PHE B 47 11.00 1.98 -16.12
CA PHE B 47 12.24 1.23 -16.34
C PHE B 47 12.01 -0.28 -16.24
N PRO B 48 11.14 -0.84 -17.10
CA PRO B 48 10.87 -2.29 -17.04
C PRO B 48 12.16 -3.09 -17.16
N LEU B 49 12.28 -4.17 -16.38
CA LEU B 49 13.48 -4.99 -16.39
C LEU B 49 13.50 -6.08 -17.46
N ARG B 50 12.34 -6.54 -17.89
CA ARG B 50 12.26 -7.60 -18.89
C ARG B 50 13.08 -7.32 -20.14
N GLY B 51 13.84 -8.33 -20.58
CA GLY B 51 14.65 -8.17 -21.77
C GLY B 51 16.03 -7.58 -21.54
N LYS B 52 16.16 -6.77 -20.50
CA LYS B 52 17.45 -6.15 -20.19
C LYS B 52 18.51 -7.23 -19.99
N THR B 53 19.73 -6.91 -20.41
CA THR B 53 20.85 -7.83 -20.27
C THR B 53 21.09 -8.09 -18.79
N GLU B 54 21.71 -9.22 -18.48
CA GLU B 54 21.98 -9.55 -17.09
C GLU B 54 22.91 -8.52 -16.48
N THR B 55 23.75 -7.91 -17.33
CA THR B 55 24.69 -6.89 -16.88
C THR B 55 23.90 -5.65 -16.49
N GLU B 56 22.92 -5.30 -17.30
CA GLU B 56 22.07 -4.15 -17.05
C GLU B 56 21.26 -4.36 -15.77
N LYS B 57 20.73 -5.57 -15.61
CA LYS B 57 19.94 -5.89 -14.43
C LYS B 57 20.78 -5.82 -13.15
N GLY B 58 22.10 -5.85 -13.31
CA GLY B 58 22.97 -5.77 -12.16
C GLY B 58 23.07 -4.35 -11.62
N LYS B 59 22.69 -3.37 -12.45
CA LYS B 59 22.75 -1.97 -12.03
C LYS B 59 21.84 -1.72 -10.85
N HIS B 60 22.11 -0.63 -10.12
CA HIS B 60 21.32 -0.27 -8.95
C HIS B 60 20.40 0.91 -9.19
N VAL B 61 19.43 1.10 -8.30
CA VAL B 61 18.54 2.25 -8.35
C VAL B 61 19.00 3.01 -7.10
N PHE B 62 19.61 4.17 -7.31
CA PHE B 62 20.16 4.97 -6.23
C PHE B 62 19.12 5.95 -5.67
N VAL B 63 18.65 5.66 -4.47
CA VAL B 63 17.65 6.49 -3.81
C VAL B 63 18.28 7.42 -2.78
N ILE B 64 18.17 8.71 -3.03
CA ILE B 64 18.72 9.71 -2.13
C ILE B 64 17.59 10.30 -1.29
N ALA B 65 17.63 10.03 0.01
CA ALA B 65 16.60 10.49 0.92
C ALA B 65 17.01 11.66 1.80
N GLY B 66 16.16 12.67 1.80
CA GLY B 66 16.36 13.86 2.60
C GLY B 66 15.93 13.59 4.03
N PRO B 67 16.14 14.56 4.93
CA PRO B 67 15.80 14.45 6.36
C PRO B 67 14.34 14.58 6.75
N GLY B 68 13.46 14.76 5.77
CA GLY B 68 12.05 14.91 6.11
C GLY B 68 11.10 13.92 5.46
N ASN B 69 9.90 14.41 5.20
CA ASN B 69 8.81 13.64 4.61
C ASN B 69 9.19 13.01 3.27
N ASN B 70 9.71 13.84 2.36
CA ASN B 70 10.13 13.41 1.04
C ASN B 70 11.10 12.22 1.19
N GLY B 71 12.05 12.33 2.12
CA GLY B 71 13.01 11.26 2.34
C GLY B 71 12.33 9.99 2.78
N GLY B 72 11.38 10.12 3.70
CA GLY B 72 10.64 8.97 4.18
C GLY B 72 9.93 8.25 3.04
N ASP B 73 9.30 9.00 2.14
CA ASP B 73 8.65 8.37 1.00
C ASP B 73 9.69 7.57 0.22
N GLY B 74 10.92 8.09 0.18
CA GLY B 74 12.00 7.43 -0.52
C GLY B 74 12.40 6.11 0.12
N LEU B 75 12.41 6.08 1.44
CA LEU B 75 12.75 4.88 2.19
C LEU B 75 11.73 3.78 1.91
N VAL B 76 10.46 4.16 1.81
CA VAL B 76 9.38 3.21 1.51
C VAL B 76 9.59 2.72 0.08
N CYS B 77 9.80 3.66 -0.83
CA CYS B 77 10.01 3.34 -2.23
C CYS B 77 11.15 2.32 -2.41
N ALA B 78 12.23 2.50 -1.66
CA ALA B 78 13.38 1.58 -1.75
C ALA B 78 12.99 0.14 -1.41
N ARG B 79 12.17 -0.04 -0.38
CA ARG B 79 11.75 -1.38 0.02
C ARG B 79 10.90 -2.05 -1.06
N HIS B 80 9.96 -1.30 -1.65
CA HIS B 80 9.14 -1.87 -2.73
C HIS B 80 9.97 -2.21 -3.97
N LEU B 81 10.93 -1.36 -4.31
CA LEU B 81 11.76 -1.63 -5.48
C LEU B 81 12.53 -2.94 -5.29
N LYS B 82 12.93 -3.22 -4.06
CA LYS B 82 13.66 -4.46 -3.80
C LYS B 82 12.74 -5.63 -4.12
N LEU B 83 11.51 -5.57 -3.62
CA LEU B 83 10.51 -6.60 -3.85
C LEU B 83 10.16 -6.73 -5.33
N PHE B 84 10.26 -5.64 -6.08
CA PHE B 84 9.93 -5.64 -7.50
C PHE B 84 11.06 -6.21 -8.36
N GLY B 85 12.19 -6.56 -7.73
CA GLY B 85 13.29 -7.13 -8.48
C GLY B 85 14.46 -6.22 -8.81
N TYR B 86 14.46 -5.00 -8.28
CA TYR B 86 15.58 -4.10 -8.55
C TYR B 86 16.62 -4.23 -7.45
N ASN B 87 17.73 -3.50 -7.62
CA ASN B 87 18.84 -3.51 -6.68
C ASN B 87 18.99 -2.10 -6.11
N PRO B 88 18.09 -1.72 -5.20
CA PRO B 88 18.15 -0.39 -4.61
C PRO B 88 19.26 -0.20 -3.57
N VAL B 89 19.77 1.03 -3.53
CA VAL B 89 20.81 1.46 -2.60
C VAL B 89 20.31 2.82 -2.12
N VAL B 90 20.23 3.00 -0.80
CA VAL B 90 19.76 4.26 -0.24
C VAL B 90 20.89 5.08 0.36
N PHE B 91 20.87 6.37 0.08
CA PHE B 91 21.85 7.31 0.62
C PHE B 91 20.99 8.22 1.50
N TYR B 92 21.24 8.13 2.81
CA TYR B 92 20.48 8.88 3.81
C TYR B 92 21.47 9.67 4.67
N PRO B 93 22.04 10.75 4.11
CA PRO B 93 23.02 11.62 4.78
C PRO B 93 22.61 12.26 6.11
N LYS B 94 21.44 12.89 6.14
CA LYS B 94 20.97 13.57 7.34
C LYS B 94 19.69 12.93 7.88
N ARG B 95 19.77 12.43 9.11
CA ARG B 95 18.63 11.78 9.73
C ARG B 95 18.20 12.52 10.99
N SER B 96 16.89 12.56 11.21
CA SER B 96 16.34 13.24 12.38
C SER B 96 15.89 12.23 13.43
N GLU B 97 16.43 12.36 14.64
CA GLU B 97 16.06 11.47 15.73
C GLU B 97 14.81 11.99 16.44
N ARG B 98 14.06 12.83 15.73
CA ARG B 98 12.84 13.42 16.26
C ARG B 98 11.61 12.69 15.72
N THR B 99 11.82 11.88 14.68
CA THR B 99 10.73 11.13 14.07
C THR B 99 11.05 9.64 14.15
N GLU B 100 10.28 8.92 14.96
CA GLU B 100 10.49 7.50 15.16
C GLU B 100 10.20 6.65 13.93
N PHE B 101 9.19 7.04 13.17
CA PHE B 101 8.84 6.28 11.99
C PHE B 101 9.98 6.20 10.97
N TYR B 102 10.82 7.22 10.88
CA TYR B 102 11.92 7.17 9.92
C TYR B 102 12.94 6.09 10.32
N LYS B 103 13.12 5.91 11.62
CA LYS B 103 14.06 4.90 12.14
C LYS B 103 13.50 3.52 11.83
N GLN B 104 12.19 3.37 11.98
CA GLN B 104 11.54 2.11 11.68
C GLN B 104 11.68 1.76 10.20
N LEU B 105 11.53 2.76 9.32
CA LEU B 105 11.65 2.51 7.89
C LEU B 105 13.06 2.04 7.54
N VAL B 106 14.04 2.56 8.27
CA VAL B 106 15.43 2.16 8.04
C VAL B 106 15.60 0.70 8.46
N HIS B 107 15.05 0.32 9.62
CA HIS B 107 15.17 -1.06 10.06
C HIS B 107 14.51 -2.00 9.05
N GLN B 108 13.43 -1.54 8.43
CA GLN B 108 12.73 -2.34 7.43
C GLN B 108 13.64 -2.55 6.23
N LEU B 109 14.44 -1.54 5.91
CA LEU B 109 15.36 -1.64 4.79
C LEU B 109 16.45 -2.64 5.15
N ASN B 110 16.94 -2.58 6.39
CA ASN B 110 17.96 -3.52 6.84
C ASN B 110 17.40 -4.94 6.71
N PHE B 111 16.13 -5.08 7.09
CA PHE B 111 15.42 -6.36 7.04
C PHE B 111 15.47 -6.94 5.63
N PHE B 112 15.31 -6.08 4.63
CA PHE B 112 15.32 -6.50 3.23
C PHE B 112 16.71 -6.47 2.61
N LYS B 113 17.71 -6.25 3.46
CA LYS B 113 19.10 -6.21 3.05
C LYS B 113 19.39 -5.11 2.04
N VAL B 114 18.67 -4.00 2.16
CA VAL B 114 18.88 -2.87 1.26
C VAL B 114 19.86 -1.93 1.95
N PRO B 115 21.04 -1.70 1.34
CA PRO B 115 22.06 -0.82 1.89
C PRO B 115 21.56 0.59 2.17
N VAL B 116 21.93 1.12 3.32
CA VAL B 116 21.56 2.48 3.71
C VAL B 116 22.87 3.17 4.05
N LEU B 117 23.31 4.09 3.20
CA LEU B 117 24.58 4.79 3.41
C LEU B 117 24.47 6.15 4.09
N SER B 118 25.55 6.53 4.77
CA SER B 118 25.62 7.83 5.43
C SER B 118 26.67 8.62 4.65
N GLN B 119 26.92 9.87 5.03
CA GLN B 119 27.91 10.68 4.33
C GLN B 119 29.27 10.00 4.31
N ASP B 120 29.56 9.23 5.35
CA ASP B 120 30.83 8.52 5.42
C ASP B 120 30.68 7.00 5.44
N GLU B 121 30.84 6.39 4.26
CA GLU B 121 30.75 4.95 4.09
C GLU B 121 31.84 4.56 3.10
N GLY B 122 31.47 3.84 2.06
CA GLY B 122 32.41 3.47 1.03
C GLY B 122 32.27 4.50 -0.06
N ASN B 123 31.87 5.70 0.37
CA ASN B 123 31.65 6.84 -0.50
C ASN B 123 30.52 6.60 -1.49
N TRP B 124 29.42 7.31 -1.26
CA TRP B 124 28.22 7.23 -2.06
C TRP B 124 28.38 7.67 -3.52
N LEU B 125 29.44 8.43 -3.82
CA LEU B 125 29.68 8.92 -5.17
C LEU B 125 29.82 7.83 -6.22
N GLU B 126 30.20 6.63 -5.79
CA GLU B 126 30.36 5.51 -6.70
C GLU B 126 29.05 5.25 -7.43
N TYR B 127 27.93 5.51 -6.76
CA TYR B 127 26.62 5.26 -7.36
C TYR B 127 26.18 6.30 -8.37
N LEU B 128 27.07 7.27 -8.65
CA LEU B 128 26.79 8.30 -9.64
C LEU B 128 27.49 7.92 -10.96
N LYS B 129 28.02 6.71 -11.02
CA LYS B 129 28.68 6.22 -12.24
C LYS B 129 27.62 5.52 -13.10
N PRO B 130 27.57 5.84 -14.41
CA PRO B 130 26.62 5.27 -15.36
C PRO B 130 26.55 3.75 -15.36
N GLU B 131 27.70 3.09 -15.35
CA GLU B 131 27.70 1.63 -15.37
C GLU B 131 27.38 1.01 -14.02
N LYS B 132 27.07 1.85 -13.04
CA LYS B 132 26.75 1.35 -11.71
C LYS B 132 25.27 1.56 -11.36
N THR B 133 24.65 2.54 -12.00
CA THR B 133 23.27 2.87 -11.68
C THR B 133 22.31 3.03 -12.87
N LEU B 134 21.12 2.47 -12.72
CA LEU B 134 20.06 2.51 -13.73
C LEU B 134 19.37 3.86 -13.71
N CYS B 135 19.03 4.31 -12.51
CA CYS B 135 18.39 5.59 -12.34
C CYS B 135 18.54 6.06 -10.90
N ILE B 136 18.34 7.35 -10.71
CA ILE B 136 18.48 7.96 -9.40
C ILE B 136 17.11 8.45 -8.96
N VAL B 137 16.72 8.11 -7.74
CA VAL B 137 15.43 8.57 -7.23
C VAL B 137 15.76 9.77 -6.32
N ASP B 138 15.28 10.94 -6.72
CA ASP B 138 15.49 12.17 -5.96
C ASP B 138 14.38 12.37 -4.92
N ALA B 139 14.64 11.92 -3.69
CA ALA B 139 13.69 12.07 -2.59
C ALA B 139 14.31 12.97 -1.53
N ILE B 140 15.07 13.97 -1.97
CA ILE B 140 15.73 14.89 -1.05
C ILE B 140 14.74 15.82 -0.35
N PHE B 141 14.17 16.79 -1.07
CA PHE B 141 13.21 17.72 -0.50
C PHE B 141 11.88 17.76 -1.23
N GLY B 142 10.79 17.80 -0.45
CA GLY B 142 9.45 17.84 -1.03
C GLY B 142 8.84 19.23 -1.15
N PHE B 143 7.51 19.29 -1.25
CA PHE B 143 6.81 20.56 -1.41
C PHE B 143 6.88 21.52 -0.23
N SER B 144 7.19 21.01 0.95
CA SER B 144 7.23 21.87 2.14
C SER B 144 8.59 22.49 2.39
N PHE B 145 9.59 22.15 1.58
CA PHE B 145 10.92 22.68 1.77
C PHE B 145 10.99 24.19 1.60
N LYS B 146 11.60 24.85 2.57
CA LYS B 146 11.74 26.29 2.56
C LYS B 146 13.20 26.68 2.35
N PRO B 147 13.55 27.18 1.16
CA PRO B 147 14.91 27.60 0.82
C PRO B 147 15.37 28.77 1.70
N PRO B 148 16.64 29.18 1.58
CA PRO B 148 17.67 28.62 0.68
C PRO B 148 18.17 27.25 1.11
N MSE B 149 18.78 26.54 0.18
CA MSE B 149 19.30 25.21 0.48
C MSE B 149 20.67 25.29 1.14
O MSE B 149 21.46 26.16 0.82
CB MSE B 149 19.40 24.38 -0.79
CG MSE B 149 19.89 22.98 -0.53
SE MSE B 149 19.48 21.86 -2.01
CE MSE B 149 17.57 22.07 -1.92
N ARG B 150 20.94 24.35 2.04
CA ARG B 150 22.20 24.32 2.75
C ARG B 150 22.97 23.03 2.50
N GLU B 151 24.22 22.99 2.92
CA GLU B 151 25.03 21.79 2.76
C GLU B 151 24.48 20.78 3.76
N PRO B 152 24.67 19.47 3.50
CA PRO B 152 25.39 18.92 2.35
C PRO B 152 24.51 18.79 1.11
N PHE B 153 23.24 19.17 1.22
CA PHE B 153 22.34 19.05 0.10
C PHE B 153 22.70 19.89 -1.12
N LYS B 154 23.27 21.07 -0.91
CA LYS B 154 23.67 21.88 -2.06
C LYS B 154 24.68 21.09 -2.90
N GLY B 155 25.70 20.56 -2.24
CA GLY B 155 26.71 19.79 -2.93
C GLY B 155 26.13 18.54 -3.58
N ILE B 156 25.19 17.90 -2.90
CA ILE B 156 24.56 16.70 -3.43
C ILE B 156 23.85 17.01 -4.74
N VAL B 157 23.06 18.08 -4.74
CA VAL B 157 22.35 18.48 -5.94
C VAL B 157 23.30 18.85 -7.07
N GLU B 158 24.42 19.47 -6.72
CA GLU B 158 25.41 19.83 -7.72
C GLU B 158 25.95 18.56 -8.40
N GLU B 159 26.27 17.55 -7.59
CA GLU B 159 26.78 16.28 -8.13
C GLU B 159 25.73 15.63 -9.03
N LEU B 160 24.45 15.75 -8.65
CA LEU B 160 23.38 15.16 -9.45
C LEU B 160 23.28 15.83 -10.81
N CYS B 161 23.35 17.16 -10.82
CA CYS B 161 23.23 17.89 -12.07
C CYS B 161 24.37 17.53 -13.03
N LYS B 162 25.50 17.14 -12.49
CA LYS B 162 26.65 16.77 -13.31
C LYS B 162 26.46 15.45 -14.06
N VAL B 163 25.54 14.60 -13.61
CA VAL B 163 25.34 13.33 -14.28
C VAL B 163 23.92 13.08 -14.81
N GLN B 164 23.03 14.03 -14.58
CA GLN B 164 21.65 13.88 -15.03
C GLN B 164 21.53 13.76 -16.54
N ASN B 165 22.60 14.11 -17.27
CA ASN B 165 22.57 14.01 -18.74
C ASN B 165 22.91 12.60 -19.22
N ILE B 166 23.17 11.70 -18.27
CA ILE B 166 23.49 10.31 -18.61
C ILE B 166 22.67 9.35 -17.74
N ILE B 167 22.51 9.68 -16.47
CA ILE B 167 21.71 8.84 -15.56
C ILE B 167 20.39 9.55 -15.30
N PRO B 168 19.27 8.89 -15.67
CA PRO B 168 17.94 9.46 -15.47
C PRO B 168 17.57 9.66 -14.01
N ILE B 169 16.99 10.82 -13.71
CA ILE B 169 16.58 11.14 -12.34
C ILE B 169 15.05 11.13 -12.20
N VAL B 170 14.59 10.46 -11.15
CA VAL B 170 13.16 10.37 -10.86
C VAL B 170 12.89 11.18 -9.59
N SER B 171 12.28 12.35 -9.77
CA SER B 171 11.99 13.22 -8.63
C SER B 171 10.68 12.91 -7.94
N VAL B 172 10.74 12.78 -6.61
CA VAL B 172 9.56 12.50 -5.81
C VAL B 172 8.85 13.82 -5.45
N ASP B 173 7.58 13.91 -5.86
CA ASP B 173 6.69 15.05 -5.65
C ASP B 173 7.10 16.32 -6.39
N VAL B 174 8.32 16.79 -6.14
CA VAL B 174 8.83 17.99 -6.81
C VAL B 174 10.35 17.85 -7.00
N PRO B 175 10.90 18.43 -8.07
CA PRO B 175 12.34 18.29 -8.26
C PRO B 175 13.03 19.11 -7.15
N THR B 176 13.94 18.49 -6.43
CA THR B 176 14.65 19.16 -5.35
C THR B 176 15.43 20.35 -5.91
N GLY B 177 15.33 21.51 -5.26
CA GLY B 177 16.04 22.68 -5.74
C GLY B 177 15.15 23.65 -6.48
N TRP B 178 14.03 23.17 -7.00
CA TRP B 178 13.08 24.02 -7.72
C TRP B 178 12.18 24.74 -6.73
N ASP B 179 11.79 25.97 -7.07
CA ASP B 179 10.86 26.71 -6.21
C ASP B 179 9.56 25.96 -6.46
N VAL B 180 8.98 25.41 -5.39
CA VAL B 180 7.75 24.63 -5.50
C VAL B 180 6.64 25.31 -6.31
N ASP B 181 6.51 26.63 -6.18
CA ASP B 181 5.47 27.36 -6.89
C ASP B 181 5.92 28.12 -8.15
N LYS B 182 7.18 28.54 -8.17
CA LYS B 182 7.73 29.31 -9.29
C LYS B 182 8.51 28.54 -10.34
N GLY B 183 8.92 27.31 -10.00
CA GLY B 183 9.67 26.53 -10.96
C GLY B 183 11.17 26.62 -10.71
N PRO B 184 11.97 26.07 -11.63
CA PRO B 184 13.42 26.08 -11.50
C PRO B 184 14.00 27.50 -11.55
N ILE B 185 14.71 27.89 -10.50
CA ILE B 185 15.33 29.21 -10.43
C ILE B 185 16.83 29.09 -10.26
N SER B 186 17.25 28.50 -9.15
CA SER B 186 18.68 28.33 -8.86
C SER B 186 19.37 27.42 -9.88
N GLN B 187 20.65 27.68 -10.10
CA GLN B 187 21.47 26.90 -11.04
C GLN B 187 22.72 26.41 -10.33
N PRO B 188 23.18 25.18 -10.65
CA PRO B 188 22.57 24.27 -11.62
C PRO B 188 21.21 23.75 -11.13
N SER B 189 20.37 23.36 -12.08
CA SER B 189 19.04 22.87 -11.75
C SER B 189 18.79 21.44 -12.23
N ILE B 190 18.12 20.67 -11.39
CA ILE B 190 17.78 19.28 -11.70
C ILE B 190 16.81 19.25 -12.88
N ASN B 191 17.10 18.37 -13.83
CA ASN B 191 16.26 18.19 -15.03
C ASN B 191 15.85 16.73 -14.97
N PRO B 192 14.75 16.44 -14.26
CA PRO B 192 14.27 15.07 -14.09
C PRO B 192 13.77 14.37 -15.35
N ALA B 193 14.04 13.07 -15.43
CA ALA B 193 13.58 12.27 -16.56
C ALA B 193 12.15 11.88 -16.24
N VAL B 194 11.83 11.81 -14.96
CA VAL B 194 10.48 11.45 -14.51
C VAL B 194 10.12 12.25 -13.28
N LEU B 195 8.88 12.71 -13.22
CA LEU B 195 8.40 13.44 -12.06
C LEU B 195 7.18 12.68 -11.54
N VAL B 196 7.20 12.33 -10.27
CA VAL B 196 6.08 11.61 -9.67
C VAL B 196 5.42 12.52 -8.65
N SER B 197 4.39 13.25 -9.10
CA SER B 197 3.67 14.14 -8.21
C SER B 197 2.87 13.29 -7.24
N LEU B 198 2.83 13.70 -5.97
CA LEU B 198 2.09 12.97 -4.94
C LEU B 198 0.83 13.73 -4.51
N THR B 199 -0.29 13.01 -4.46
CA THR B 199 -1.59 13.59 -4.08
C THR B 199 -2.11 14.42 -5.25
N VAL B 200 -1.43 15.53 -5.53
CA VAL B 200 -1.82 16.41 -6.63
C VAL B 200 -0.57 17.21 -7.05
N PRO B 201 -0.38 17.45 -8.36
CA PRO B 201 0.79 18.19 -8.82
C PRO B 201 0.91 19.60 -8.24
N LYS B 202 2.15 20.06 -8.09
CA LYS B 202 2.41 21.40 -7.58
C LYS B 202 2.66 22.31 -8.80
N PRO B 203 2.56 23.63 -8.61
CA PRO B 203 2.76 24.61 -9.70
C PRO B 203 4.03 24.43 -10.52
N CYS B 204 5.13 24.10 -9.85
CA CYS B 204 6.41 23.94 -10.53
C CYS B 204 6.37 22.83 -11.60
N SER B 205 5.40 21.92 -11.51
CA SER B 205 5.30 20.83 -12.49
C SER B 205 4.96 21.31 -13.91
N SER B 206 4.40 22.51 -14.03
CA SER B 206 4.05 23.03 -15.35
C SER B 206 5.33 23.38 -16.12
N HIS B 207 6.46 23.42 -15.41
CA HIS B 207 7.74 23.76 -16.01
C HIS B 207 8.48 22.59 -16.66
N ILE B 208 7.98 21.37 -16.48
CA ILE B 208 8.65 20.22 -17.10
C ILE B 208 8.38 20.21 -18.60
N ARG B 209 9.25 19.55 -19.35
CA ARG B 209 9.10 19.42 -20.80
C ARG B 209 8.75 17.98 -21.13
N GLU B 210 7.58 17.78 -21.73
CA GLU B 210 7.12 16.43 -22.08
C GLU B 210 8.08 15.63 -22.95
N ASN B 211 8.87 16.32 -23.77
CA ASN B 211 9.81 15.65 -24.66
C ASN B 211 11.06 15.21 -23.90
N GLN B 212 11.04 15.37 -22.59
CA GLN B 212 12.19 15.01 -21.77
C GLN B 212 11.81 14.46 -20.40
N THR B 213 10.60 14.78 -19.96
CA THR B 213 10.16 14.35 -18.63
C THR B 213 8.80 13.69 -18.64
N THR B 214 8.73 12.46 -18.14
CA THR B 214 7.47 11.74 -18.04
C THR B 214 6.87 12.16 -16.70
N HIS B 215 5.59 12.49 -16.69
CA HIS B 215 4.92 12.93 -15.47
C HIS B 215 3.86 11.91 -15.02
N TYR B 216 3.96 11.49 -13.77
CA TYR B 216 3.03 10.56 -13.16
C TYR B 216 2.50 11.20 -11.90
N VAL B 217 1.29 10.85 -11.50
CA VAL B 217 0.72 11.34 -10.25
C VAL B 217 0.44 10.10 -9.41
N GLY B 218 0.65 10.20 -8.11
CA GLY B 218 0.41 9.06 -7.23
C GLY B 218 -0.32 9.50 -5.97
N GLY B 219 -0.59 8.57 -5.06
CA GLY B 219 -1.30 8.93 -3.83
C GLY B 219 -2.79 8.79 -4.08
N ARG B 220 -3.24 7.55 -4.25
CA ARG B 220 -4.65 7.29 -4.52
C ARG B 220 -5.45 7.17 -3.23
N PHE B 221 -5.79 8.31 -2.63
CA PHE B 221 -6.55 8.33 -1.39
C PHE B 221 -7.32 9.64 -1.22
N ILE B 222 -7.84 10.14 -2.33
CA ILE B 222 -8.57 11.41 -2.37
C ILE B 222 -9.98 11.30 -2.95
N PRO B 223 -11.00 11.58 -2.13
CA PRO B 223 -12.40 11.52 -2.58
C PRO B 223 -12.71 12.77 -3.39
N ARG B 224 -13.69 12.67 -4.29
CA ARG B 224 -14.08 13.79 -5.14
C ARG B 224 -14.42 15.08 -4.39
N ASP B 225 -15.23 14.96 -3.35
CA ASP B 225 -15.64 16.13 -2.57
C ASP B 225 -14.45 16.85 -1.96
N PHE B 226 -13.54 16.10 -1.35
CA PHE B 226 -12.36 16.68 -0.73
C PHE B 226 -11.53 17.40 -1.78
N ALA B 227 -11.33 16.76 -2.93
CA ALA B 227 -10.56 17.32 -4.02
C ALA B 227 -11.12 18.65 -4.50
N ASN B 228 -12.42 18.67 -4.80
CA ASN B 228 -13.05 19.89 -5.29
C ASN B 228 -12.87 21.06 -4.32
N LYS B 229 -12.96 20.77 -3.02
CA LYS B 229 -12.81 21.82 -2.02
C LYS B 229 -11.44 22.50 -2.14
N PHE B 230 -10.48 21.78 -2.73
CA PHE B 230 -9.13 22.30 -2.89
C PHE B 230 -8.79 22.73 -4.31
N GLY B 231 -9.82 22.81 -5.16
CA GLY B 231 -9.60 23.24 -6.52
C GLY B 231 -9.38 22.18 -7.58
N PHE B 232 -9.14 20.93 -7.18
CA PHE B 232 -8.92 19.90 -8.19
C PHE B 232 -9.91 18.75 -8.09
N GLU B 233 -9.79 17.81 -9.00
CA GLU B 233 -10.65 16.65 -9.00
C GLU B 233 -9.79 15.39 -8.90
N PRO B 234 -10.36 14.29 -8.41
CA PRO B 234 -9.58 13.05 -8.30
C PRO B 234 -9.11 12.58 -9.65
N PHE B 235 -7.93 11.96 -9.68
CA PHE B 235 -7.35 11.46 -10.92
C PHE B 235 -7.92 10.10 -11.29
N GLY B 236 -8.04 9.86 -12.59
CA GLY B 236 -8.60 8.62 -13.09
C GLY B 236 -7.66 7.44 -13.12
N TYR B 237 -7.18 7.03 -11.95
CA TYR B 237 -6.28 5.89 -11.86
C TYR B 237 -6.95 4.69 -12.53
N GLU B 238 -6.18 3.93 -13.30
CA GLU B 238 -6.69 2.77 -14.01
C GLU B 238 -6.52 1.51 -13.17
N SER B 239 -7.47 0.58 -13.30
CA SER B 239 -7.42 -0.68 -12.56
C SER B 239 -7.14 -0.44 -11.08
N THR B 240 -6.20 -1.18 -10.50
CA THR B 240 -5.85 -1.00 -9.09
C THR B 240 -4.53 -0.25 -8.97
N ASP B 241 -4.14 0.42 -10.05
CA ASP B 241 -2.88 1.20 -10.08
C ASP B 241 -2.83 2.28 -9.01
N GLN B 242 -1.62 2.56 -8.54
CA GLN B 242 -1.42 3.59 -7.55
C GLN B 242 -0.74 4.80 -8.21
N ILE B 243 -0.68 4.76 -9.54
CA ILE B 243 -0.11 5.84 -10.32
C ILE B 243 -0.92 6.04 -11.60
N LEU B 244 -0.80 7.23 -12.19
CA LEU B 244 -1.49 7.58 -13.43
C LEU B 244 -0.56 8.47 -14.24
N LYS B 245 -0.33 8.12 -15.52
CA LYS B 245 0.54 8.93 -16.38
C LYS B 245 -0.17 10.25 -16.66
N LEU B 246 0.51 11.34 -16.31
CA LEU B 246 0.04 12.72 -16.43
C LEU B 246 -0.84 13.12 -15.25
CL CL C . -8.83 -11.47 14.49
CL CL D . 10.59 17.23 2.79
#